data_3I2N
#
_entry.id   3I2N
#
_cell.length_a   70.052
_cell.length_b   70.052
_cell.length_c   84.656
_cell.angle_alpha   90.000
_cell.angle_beta   90.000
_cell.angle_gamma   90.000
#
_symmetry.space_group_name_H-M   'P 43'
#
loop_
_entity.id
_entity.type
_entity.pdbx_description
1 polymer 'WD repeat-containing protein 92'
2 water water
#
_entity_poly.entity_id   1
_entity_poly.type   'polypeptide(L)'
_entity_poly.pdbx_seq_one_letter_code
;MSAFEKPQIIAHIQKGFNYTVFDCKWVPCSAKFVTMGNFARGTGVIQLYEIQHGDLKLLREIEKAKPIKCGTFGATSLQQ
RYLATGDFGGNLHIWNLEAPEMPVYSVKGHKEIINAIDGIGGLGIGEGAPEIVTGSRDGTVKVWDPRQKDDPVANMEPVQ
GENKRDCWTVAFGNAYNQEERVVCAGYDNGDIKLFDLRNMALRWETNIKNGVCSLEFDRKDISMNKLVATSLEGKFHVFD
MRTQHPTKGFASVSEKAHKSTVWQVRHLPQNRELFLTAGGAGGLHLWKYEYPIQRSKKDSEGIEMGVAGSVSLLQNVTLS
TQPISSLDWSPDKRGLCVCSSFDQTVRVLIVTKLNKI
;
_entity_poly.pdbx_strand_id   A
#
# COMPACT_ATOMS: atom_id res chain seq x y z
N GLU A 5 14.60 25.50 -4.05
CA GLU A 5 14.97 24.68 -5.27
C GLU A 5 14.30 23.29 -5.29
N LYS A 6 13.58 23.01 -6.38
CA LYS A 6 12.64 21.90 -6.38
C LYS A 6 13.24 20.57 -6.80
N PRO A 7 12.81 19.46 -6.12
CA PRO A 7 13.20 18.10 -6.55
C PRO A 7 12.59 17.92 -7.90
N GLN A 8 13.25 17.09 -8.69
CA GLN A 8 12.80 16.79 -10.01
C GLN A 8 12.41 15.32 -9.98
N ILE A 9 11.29 15.02 -10.62
CA ILE A 9 10.76 13.68 -10.84
C ILE A 9 11.08 13.40 -12.30
N ILE A 10 12.08 12.55 -12.50
CA ILE A 10 12.61 12.24 -13.81
C ILE A 10 12.20 10.86 -14.32
N ALA A 11 11.54 10.79 -15.47
CA ALA A 11 11.29 9.50 -16.09
C ALA A 11 12.63 8.93 -16.55
N HIS A 12 13.26 8.07 -15.73
CA HIS A 12 14.60 7.58 -16.08
C HIS A 12 14.57 6.47 -17.11
N ILE A 13 13.67 5.51 -16.94
CA ILE A 13 13.56 4.34 -17.80
C ILE A 13 12.07 3.94 -17.90
N GLN A 14 11.70 3.30 -19.00
CA GLN A 14 10.32 2.88 -19.13
C GLN A 14 10.26 1.72 -20.06
N LYS A 15 9.16 0.99 -19.99
CA LYS A 15 8.97 -0.16 -20.86
C LYS A 15 7.51 -0.37 -20.99
N GLY A 16 7.09 -0.59 -22.23
CA GLY A 16 5.76 -1.04 -22.54
C GLY A 16 5.62 -2.50 -22.17
N PHE A 17 4.43 -2.84 -21.70
CA PHE A 17 3.98 -4.19 -21.43
C PHE A 17 2.70 -4.30 -22.29
N ASN A 18 2.29 -5.50 -22.67
CA ASN A 18 1.13 -5.70 -23.57
C ASN A 18 -0.19 -6.18 -22.92
N TYR A 19 -0.24 -6.22 -21.58
CA TYR A 19 -1.44 -6.69 -20.84
C TYR A 19 -1.89 -5.60 -19.86
N THR A 20 -2.85 -5.92 -18.98
CA THR A 20 -3.14 -5.03 -17.83
C THR A 20 -2.21 -5.29 -16.62
N VAL A 21 -1.57 -4.23 -16.14
CA VAL A 21 -0.79 -4.31 -14.91
C VAL A 21 -1.52 -3.56 -13.81
N PHE A 22 -1.69 -4.25 -12.66
CA PHE A 22 -2.42 -3.71 -11.54
C PHE A 22 -1.52 -3.33 -10.39
N ASP A 23 -0.30 -3.89 -10.34
CA ASP A 23 0.61 -3.59 -9.22
C ASP A 23 2.03 -3.80 -9.66
N CYS A 24 2.96 -3.18 -8.93
CA CYS A 24 4.36 -3.40 -9.13
C CYS A 24 5.11 -3.21 -7.81
N LYS A 25 6.17 -4.02 -7.59
CA LYS A 25 7.01 -3.90 -6.40
C LYS A 25 8.45 -4.19 -6.74
N TRP A 26 9.36 -3.48 -6.07
CA TRP A 26 10.79 -3.78 -6.12
C TRP A 26 11.00 -5.12 -5.42
N VAL A 27 11.85 -5.95 -6.01
CA VAL A 27 12.31 -7.15 -5.36
C VAL A 27 13.40 -6.69 -4.38
N PRO A 28 13.21 -6.92 -3.08
CA PRO A 28 14.19 -6.41 -2.13
C PRO A 28 15.63 -6.93 -2.39
N CYS A 29 16.61 -6.14 -1.95
CA CYS A 29 18.03 -6.40 -2.16
C CYS A 29 18.36 -6.80 -3.59
N SER A 30 17.88 -6.04 -4.58
CA SER A 30 18.15 -6.35 -5.96
C SER A 30 17.96 -5.09 -6.76
N ALA A 31 18.35 -5.18 -8.02
CA ALA A 31 17.95 -4.22 -9.06
C ALA A 31 16.76 -4.77 -9.85
N LYS A 32 15.95 -5.63 -9.23
CA LYS A 32 14.80 -6.21 -9.93
C LYS A 32 13.48 -5.69 -9.41
N PHE A 33 12.42 -5.81 -10.23
CA PHE A 33 11.06 -5.57 -9.78
C PHE A 33 10.07 -6.50 -10.50
N VAL A 34 8.89 -6.69 -9.88
CA VAL A 34 7.82 -7.46 -10.46
C VAL A 34 6.65 -6.54 -10.81
N THR A 35 5.92 -6.97 -11.82
CA THR A 35 4.61 -6.44 -12.16
C THR A 35 3.64 -7.61 -12.21
N MET A 36 2.36 -7.29 -12.02
CA MET A 36 1.34 -8.30 -11.94
C MET A 36 0.05 -7.74 -12.45
N GLY A 37 -0.73 -8.61 -13.07
CA GLY A 37 -2.00 -8.26 -13.70
C GLY A 37 -2.57 -9.43 -14.48
N ASN A 38 -3.07 -9.13 -15.68
CA ASN A 38 -3.62 -10.16 -16.59
C ASN A 38 -3.33 -9.86 -18.06
N ARG A 41 -6.77 -13.01 -22.96
CA ARG A 41 -6.74 -14.37 -22.43
C ARG A 41 -7.62 -14.40 -21.20
N GLY A 42 -7.49 -13.40 -20.34
CA GLY A 42 -8.20 -13.34 -19.04
C GLY A 42 -7.49 -14.11 -17.92
N THR A 43 -6.28 -14.58 -18.22
CA THR A 43 -5.48 -15.28 -17.25
C THR A 43 -4.53 -14.30 -16.54
N GLY A 44 -3.98 -14.71 -15.39
CA GLY A 44 -3.08 -13.85 -14.64
C GLY A 44 -1.64 -13.93 -15.05
N VAL A 45 -0.89 -12.87 -14.73
CA VAL A 45 0.54 -12.80 -14.97
C VAL A 45 1.33 -12.04 -13.90
N ILE A 46 2.51 -12.57 -13.59
CA ILE A 46 3.54 -11.84 -12.90
C ILE A 46 4.71 -11.79 -13.87
N GLN A 47 5.36 -10.64 -13.97
CA GLN A 47 6.54 -10.50 -14.78
C GLN A 47 7.68 -9.95 -13.97
N LEU A 48 8.84 -10.57 -14.13
CA LEU A 48 10.05 -10.14 -13.41
C LEU A 48 11.01 -9.37 -14.31
N TYR A 49 11.35 -8.14 -13.91
CA TYR A 49 12.27 -7.26 -14.63
C TYR A 49 13.55 -7.02 -13.82
N GLU A 50 14.65 -6.71 -14.53
CA GLU A 50 15.87 -6.22 -13.88
C GLU A 50 16.41 -5.00 -14.64
N ILE A 51 16.90 -4.02 -13.91
CA ILE A 51 17.66 -2.94 -14.54
C ILE A 51 19.07 -3.47 -14.86
N GLN A 52 19.46 -3.36 -16.13
CA GLN A 52 20.77 -3.87 -16.53
C GLN A 52 21.78 -2.83 -17.04
N HIS A 53 21.94 -2.69 -18.34
CA HIS A 53 22.92 -1.70 -18.81
C HIS A 53 22.20 -0.35 -18.88
N GLY A 54 21.73 0.12 -17.72
CA GLY A 54 20.74 1.23 -17.63
C GLY A 54 19.41 0.94 -18.32
N ASP A 55 19.27 -0.29 -18.83
CA ASP A 55 18.08 -0.74 -19.57
C ASP A 55 17.17 -1.65 -18.70
N LEU A 56 16.00 -2.00 -19.22
CA LEU A 56 15.07 -2.93 -18.56
C LEU A 56 14.96 -4.31 -19.24
N LYS A 57 15.49 -5.35 -18.59
CA LYS A 57 15.44 -6.69 -19.15
C LYS A 57 14.30 -7.48 -18.53
N LEU A 58 13.34 -7.92 -19.35
CA LEU A 58 12.33 -8.89 -18.91
C LEU A 58 12.97 -10.26 -18.68
N LEU A 59 12.98 -10.71 -17.42
CA LEU A 59 13.65 -11.94 -17.04
C LEU A 59 12.76 -13.17 -17.08
N ARG A 60 11.48 -12.99 -16.77
CA ARG A 60 10.55 -14.12 -16.58
C ARG A 60 9.13 -13.62 -16.72
N GLU A 61 8.25 -14.53 -17.11
CA GLU A 61 6.85 -14.29 -16.94
C GLU A 61 6.12 -15.56 -16.61
N ILE A 62 5.10 -15.39 -15.77
CA ILE A 62 4.49 -16.47 -15.06
C ILE A 62 3.02 -16.33 -15.29
N GLU A 63 2.43 -17.25 -16.06
CA GLU A 63 1.00 -17.20 -16.28
C GLU A 63 0.34 -17.97 -15.15
N LYS A 64 -0.78 -17.45 -14.66
CA LYS A 64 -1.55 -18.06 -13.60
C LYS A 64 -3.00 -18.07 -14.06
N ALA A 65 -3.84 -18.80 -13.33
CA ALA A 65 -5.19 -19.09 -13.79
C ALA A 65 -6.05 -17.84 -13.80
N LYS A 66 -5.83 -17.00 -12.82
CA LYS A 66 -6.67 -15.83 -12.66
C LYS A 66 -5.84 -14.56 -12.53
N PRO A 67 -6.38 -13.45 -13.02
CA PRO A 67 -5.66 -12.20 -12.96
C PRO A 67 -5.22 -11.86 -11.53
N ILE A 68 -3.98 -11.40 -11.38
CA ILE A 68 -3.39 -11.00 -10.06
C ILE A 68 -3.56 -9.50 -9.80
N LYS A 69 -4.13 -9.16 -8.65
CA LYS A 69 -4.47 -7.74 -8.35
C LYS A 69 -3.40 -7.00 -7.57
N CYS A 70 -2.71 -7.66 -6.65
CA CYS A 70 -1.77 -6.93 -5.81
C CYS A 70 -0.76 -7.90 -5.24
N GLY A 71 0.39 -7.39 -4.84
CA GLY A 71 1.39 -8.22 -4.17
C GLY A 71 2.20 -7.45 -3.17
N THR A 72 3.08 -8.14 -2.44
CA THR A 72 3.89 -7.55 -1.38
C THR A 72 5.02 -8.57 -1.02
N PHE A 73 6.22 -8.04 -0.77
CA PHE A 73 7.41 -8.77 -0.26
C PHE A 73 7.56 -8.58 1.22
N GLY A 74 6.63 -7.81 1.81
CA GLY A 74 6.76 -7.28 3.16
C GLY A 74 6.79 -8.40 4.22
N ALA A 75 6.35 -9.61 3.87
CA ALA A 75 6.42 -10.74 4.83
C ALA A 75 7.53 -11.83 4.60
N THR A 76 8.34 -11.66 3.56
CA THR A 76 9.30 -12.64 3.07
C THR A 76 10.69 -12.41 3.64
N SER A 77 11.54 -13.43 3.54
CA SER A 77 12.93 -13.31 3.98
C SER A 77 13.82 -13.01 2.77
N LEU A 78 15.07 -12.59 3.04
CA LEU A 78 16.13 -12.42 2.03
C LEU A 78 16.42 -13.74 1.27
N GLN A 79 16.43 -14.87 1.97
CA GLN A 79 16.92 -16.08 1.34
C GLN A 79 15.87 -16.71 0.42
N GLN A 80 14.62 -16.30 0.67
CA GLN A 80 13.44 -16.76 -0.06
C GLN A 80 12.93 -15.74 -1.07
N ARG A 81 12.85 -14.47 -0.64
CA ARG A 81 12.20 -13.39 -1.39
C ARG A 81 10.88 -13.83 -2.10
N TYR A 82 9.93 -14.36 -1.36
CA TYR A 82 8.70 -14.84 -2.04
C TYR A 82 7.68 -13.69 -2.22
N LEU A 83 7.00 -13.67 -3.38
CA LEU A 83 5.93 -12.69 -3.64
C LEU A 83 4.62 -13.27 -3.13
N ALA A 84 4.05 -12.63 -2.10
CA ALA A 84 2.62 -12.80 -1.71
C ALA A 84 1.71 -12.03 -2.60
N THR A 85 0.71 -12.68 -3.19
CA THR A 85 -0.27 -12.05 -4.10
C THR A 85 -1.75 -12.31 -3.68
N GLY A 86 -2.61 -11.37 -4.07
CA GLY A 86 -4.08 -11.51 -4.02
C GLY A 86 -4.58 -11.50 -5.46
N ASP A 87 -5.41 -12.47 -5.85
CA ASP A 87 -5.94 -12.50 -7.22
C ASP A 87 -7.46 -12.24 -7.26
N PHE A 88 -8.04 -12.27 -8.47
CA PHE A 88 -9.43 -11.93 -8.68
C PHE A 88 -10.47 -12.93 -8.17
N GLY A 89 -10.06 -14.15 -7.87
CA GLY A 89 -11.00 -15.13 -7.30
C GLY A 89 -10.87 -15.26 -5.80
N GLY A 90 -10.18 -14.31 -5.14
CA GLY A 90 -10.07 -14.35 -3.73
C GLY A 90 -8.97 -15.22 -3.15
N ASN A 91 -8.03 -15.64 -3.99
CA ASN A 91 -6.94 -16.45 -3.50
C ASN A 91 -5.72 -15.64 -3.13
N LEU A 92 -5.13 -16.05 -2.03
CA LEU A 92 -3.88 -15.54 -1.59
C LEU A 92 -2.82 -16.62 -1.84
N HIS A 93 -1.77 -16.24 -2.60
CA HIS A 93 -0.69 -17.15 -2.95
C HIS A 93 0.64 -16.56 -2.53
N ILE A 94 1.53 -17.43 -2.12
CA ILE A 94 2.91 -17.05 -1.93
C ILE A 94 3.69 -17.85 -2.95
N TRP A 95 4.60 -17.15 -3.63
CA TRP A 95 5.29 -17.65 -4.80
C TRP A 95 6.79 -17.58 -4.67
N ASN A 96 7.46 -18.66 -5.08
CA ASN A 96 8.89 -18.62 -5.29
C ASN A 96 9.05 -18.30 -6.77
N LEU A 97 9.56 -17.10 -7.04
CA LEU A 97 9.67 -16.62 -8.40
C LEU A 97 10.59 -17.50 -9.27
N GLU A 98 11.57 -18.13 -8.62
CA GLU A 98 12.56 -18.98 -9.27
C GLU A 98 11.90 -20.32 -9.64
N ALA A 99 10.78 -20.65 -8.96
CA ALA A 99 10.06 -21.92 -9.15
C ALA A 99 8.57 -21.75 -8.84
N PRO A 100 7.84 -21.04 -9.71
CA PRO A 100 6.49 -20.57 -9.44
C PRO A 100 5.36 -21.49 -9.94
N GLU A 101 5.68 -22.71 -10.37
CA GLU A 101 4.64 -23.62 -10.87
C GLU A 101 3.62 -23.93 -9.78
N MET A 102 4.13 -24.18 -8.58
CA MET A 102 3.32 -24.49 -7.43
C MET A 102 3.60 -23.44 -6.34
N PRO A 103 2.54 -22.89 -5.74
CA PRO A 103 2.74 -21.94 -4.65
C PRO A 103 3.25 -22.57 -3.37
N VAL A 104 4.08 -21.83 -2.68
CA VAL A 104 4.51 -22.17 -1.35
C VAL A 104 3.33 -22.17 -0.34
N TYR A 105 2.33 -21.32 -0.61
CA TYR A 105 1.18 -21.14 0.28
C TYR A 105 -0.02 -20.77 -0.57
N SER A 106 -1.15 -21.36 -0.26
CA SER A 106 -2.34 -21.21 -1.07
C SER A 106 -3.56 -21.30 -0.14
N VAL A 107 -4.41 -20.28 -0.21
CA VAL A 107 -5.68 -20.30 0.50
C VAL A 107 -6.68 -19.49 -0.31
N LYS A 108 -7.88 -20.04 -0.56
CA LYS A 108 -9.01 -19.23 -1.02
C LYS A 108 -9.49 -18.44 0.18
N GLY A 109 -8.75 -17.37 0.52
CA GLY A 109 -8.98 -16.60 1.75
C GLY A 109 -10.28 -15.83 1.79
N HIS A 110 -10.73 -15.45 0.60
CA HIS A 110 -11.80 -14.54 0.42
C HIS A 110 -12.75 -15.07 -0.65
N LYS A 111 -13.96 -14.58 -0.60
CA LYS A 111 -15.02 -14.93 -1.55
C LYS A 111 -15.04 -14.08 -2.83
N GLU A 112 -14.27 -12.97 -2.88
CA GLU A 112 -14.23 -12.10 -4.06
C GLU A 112 -12.79 -11.61 -4.19
N ILE A 113 -12.55 -10.75 -5.20
CA ILE A 113 -11.25 -10.20 -5.47
C ILE A 113 -10.60 -9.66 -4.20
N ILE A 114 -9.38 -10.11 -3.95
CA ILE A 114 -8.48 -9.43 -3.06
C ILE A 114 -8.00 -8.13 -3.73
N ASN A 115 -8.53 -7.00 -3.22
CA ASN A 115 -8.21 -5.64 -3.74
C ASN A 115 -6.89 -5.12 -3.33
N ALA A 116 -6.46 -5.51 -2.12
CA ALA A 116 -5.28 -4.91 -1.46
C ALA A 116 -4.60 -5.91 -0.52
N ILE A 117 -3.30 -5.70 -0.29
CA ILE A 117 -2.46 -6.62 0.43
C ILE A 117 -1.28 -5.84 1.01
N ASP A 118 -0.85 -6.24 2.23
CA ASP A 118 0.33 -5.68 2.85
C ASP A 118 1.06 -6.85 3.56
N GLY A 119 2.33 -6.66 3.85
CA GLY A 119 3.10 -7.72 4.54
C GLY A 119 3.91 -6.95 5.55
N ILE A 120 4.14 -7.54 6.73
CA ILE A 120 5.05 -6.94 7.74
C ILE A 120 5.84 -8.06 8.47
N GLY A 121 7.01 -7.76 9.05
CA GLY A 121 7.82 -8.76 9.76
C GLY A 121 8.90 -9.46 8.95
N GLY A 122 8.73 -9.48 7.64
CA GLY A 122 9.77 -10.03 6.79
C GLY A 122 10.80 -8.96 6.54
N LEU A 123 11.86 -9.39 5.84
CA LEU A 123 12.95 -8.48 5.44
C LEU A 123 13.58 -7.67 6.60
N GLY A 124 13.26 -8.06 7.85
CA GLY A 124 13.79 -7.40 9.06
C GLY A 124 13.09 -6.09 9.37
N ILE A 125 11.93 -5.88 8.75
CA ILE A 125 11.12 -4.69 8.98
C ILE A 125 9.86 -5.11 9.72
N GLY A 126 9.70 -4.56 10.92
CA GLY A 126 8.66 -4.97 11.85
C GLY A 126 9.10 -6.09 12.80
N GLU A 127 8.96 -5.85 14.10
CA GLU A 127 8.98 -6.92 15.09
C GLU A 127 7.84 -7.90 14.92
N GLY A 128 8.09 -9.11 15.41
CA GLY A 128 7.07 -10.11 15.44
C GLY A 128 7.20 -10.99 14.24
N ALA A 129 6.54 -12.14 14.32
CA ALA A 129 6.52 -13.06 13.21
C ALA A 129 5.95 -12.34 11.95
N PRO A 130 6.39 -12.77 10.77
CA PRO A 130 5.81 -12.24 9.53
C PRO A 130 4.31 -12.53 9.35
N GLU A 131 3.56 -11.51 8.95
CA GLU A 131 2.14 -11.61 8.61
C GLU A 131 1.80 -10.84 7.32
N ILE A 132 0.79 -11.35 6.62
CA ILE A 132 0.20 -10.72 5.44
C ILE A 132 -1.25 -10.34 5.79
N VAL A 133 -1.67 -9.15 5.36
CA VAL A 133 -3.05 -8.71 5.48
C VAL A 133 -3.62 -8.54 4.07
N THR A 134 -4.82 -9.06 3.87
CA THR A 134 -5.54 -9.00 2.61
C THR A 134 -6.85 -8.27 2.88
N GLY A 135 -7.23 -7.42 1.94
CA GLY A 135 -8.53 -6.68 2.01
C GLY A 135 -9.31 -7.00 0.73
N SER A 136 -10.60 -7.37 0.85
CA SER A 136 -11.35 -7.90 -0.28
C SER A 136 -12.64 -7.12 -0.59
N ARG A 137 -13.04 -7.24 -1.85
CA ARG A 137 -14.40 -6.87 -2.28
C ARG A 137 -15.48 -7.56 -1.47
N ASP A 138 -15.22 -8.75 -0.91
CA ASP A 138 -16.17 -9.35 0.04
C ASP A 138 -16.41 -8.58 1.38
N GLY A 139 -15.72 -7.46 1.58
CA GLY A 139 -15.90 -6.62 2.76
C GLY A 139 -15.10 -7.05 3.98
N THR A 140 -14.28 -8.07 3.85
CA THR A 140 -13.52 -8.51 5.02
C THR A 140 -12.06 -8.25 4.85
N VAL A 141 -11.41 -8.15 5.98
CA VAL A 141 -9.98 -7.94 6.05
C VAL A 141 -9.43 -9.09 6.91
N LYS A 142 -8.51 -9.84 6.37
CA LYS A 142 -7.93 -10.97 7.13
C LYS A 142 -6.42 -10.92 7.29
N VAL A 143 -5.94 -11.40 8.43
CA VAL A 143 -4.49 -11.44 8.68
C VAL A 143 -4.01 -12.90 8.71
N TRP A 144 -2.89 -13.16 8.03
CA TRP A 144 -2.40 -14.50 7.75
C TRP A 144 -1.01 -14.64 8.27
N ASP A 145 -0.77 -15.77 8.92
CA ASP A 145 0.60 -16.16 9.27
C ASP A 145 0.99 -17.28 8.33
N PRO A 146 1.98 -17.05 7.43
CA PRO A 146 2.37 -18.08 6.45
C PRO A 146 2.78 -19.48 7.02
N ARG A 147 3.05 -19.56 8.33
CA ARG A 147 3.23 -20.84 9.04
C ARG A 147 1.92 -21.60 9.37
N GLN A 148 0.79 -20.88 9.32
CA GLN A 148 -0.49 -21.51 9.51
C GLN A 148 -1.25 -21.58 8.24
N LYS A 149 -1.33 -22.76 7.66
CA LYS A 149 -2.08 -22.98 6.45
C LYS A 149 -3.60 -22.78 6.73
N ASP A 150 -4.40 -22.58 5.69
CA ASP A 150 -5.88 -22.66 5.78
C ASP A 150 -6.67 -21.53 6.48
N ASP A 151 -6.34 -21.22 7.72
CA ASP A 151 -7.14 -20.25 8.49
C ASP A 151 -6.33 -19.01 8.89
N PRO A 152 -6.95 -17.84 8.80
CA PRO A 152 -6.26 -16.60 9.17
C PRO A 152 -6.12 -16.55 10.67
N VAL A 153 -5.16 -15.77 11.15
CA VAL A 153 -4.99 -15.55 12.56
C VAL A 153 -5.88 -14.42 13.08
N ALA A 154 -6.48 -13.63 12.18
CA ALA A 154 -7.40 -12.57 12.59
C ALA A 154 -8.29 -12.32 11.42
N ASN A 155 -9.52 -11.93 11.71
CA ASN A 155 -10.49 -11.69 10.65
C ASN A 155 -11.26 -10.49 11.09
N MET A 156 -11.29 -9.39 10.31
CA MET A 156 -11.98 -8.19 10.73
C MET A 156 -13.08 -7.95 9.72
N GLU A 157 -14.31 -7.99 10.19
CA GLU A 157 -15.48 -7.99 9.30
C GLU A 157 -16.68 -7.51 10.09
N PRO A 158 -17.75 -7.05 9.42
CA PRO A 158 -18.81 -6.61 10.34
C PRO A 158 -19.44 -7.75 11.11
N VAL A 159 -20.15 -7.42 12.19
CA VAL A 159 -20.89 -8.43 12.95
C VAL A 159 -21.93 -9.01 11.97
N GLN A 160 -22.33 -10.26 12.21
CA GLN A 160 -23.10 -11.06 11.22
C GLN A 160 -24.37 -10.35 10.66
N GLY A 161 -24.99 -9.52 11.49
CA GLY A 161 -26.22 -8.84 11.09
C GLY A 161 -26.01 -7.60 10.23
N GLU A 162 -24.78 -7.13 10.15
CA GLU A 162 -24.49 -5.89 9.44
C GLU A 162 -24.07 -6.17 7.98
N ASN A 163 -24.38 -5.25 7.08
CA ASN A 163 -24.02 -5.38 5.67
C ASN A 163 -22.53 -5.28 5.36
N LYS A 164 -22.04 -6.01 4.35
CA LYS A 164 -20.61 -5.93 3.92
C LYS A 164 -20.46 -4.74 2.98
N ARG A 165 -19.33 -4.05 3.04
CA ARG A 165 -18.93 -3.02 2.07
C ARG A 165 -17.83 -3.66 1.22
N ASP A 166 -17.03 -2.84 0.55
CA ASP A 166 -15.99 -3.29 -0.35
C ASP A 166 -14.68 -2.71 0.21
N CYS A 167 -13.69 -3.56 0.48
CA CYS A 167 -12.47 -3.05 1.04
C CYS A 167 -11.48 -2.77 -0.07
N TRP A 168 -10.99 -1.54 -0.12
CA TRP A 168 -10.13 -1.16 -1.26
C TRP A 168 -8.66 -1.09 -0.93
N THR A 169 -8.33 -1.09 0.36
CA THR A 169 -6.98 -0.78 0.80
C THR A 169 -6.80 -1.22 2.26
N VAL A 170 -5.59 -1.71 2.50
CA VAL A 170 -5.16 -2.21 3.80
C VAL A 170 -3.71 -1.83 4.07
N ALA A 171 -3.39 -1.57 5.33
CA ALA A 171 -2.03 -1.11 5.65
C ALA A 171 -1.68 -1.56 7.06
N PHE A 172 -0.52 -2.21 7.18
CA PHE A 172 0.10 -2.51 8.48
C PHE A 172 0.74 -1.28 9.10
N GLY A 173 0.65 -1.17 10.41
CA GLY A 173 1.42 -0.13 11.10
C GLY A 173 1.76 -0.50 12.54
N ASN A 174 2.41 0.43 13.22
CA ASN A 174 2.64 0.30 14.66
C ASN A 174 3.43 -0.88 15.11
N ALA A 175 4.18 -1.53 14.22
CA ALA A 175 4.86 -2.79 14.50
C ALA A 175 6.26 -2.64 15.11
N TYR A 176 6.34 -1.90 16.21
CA TYR A 176 7.65 -1.62 16.79
C TYR A 176 8.15 -2.71 17.75
N ASN A 177 7.24 -3.53 18.25
CA ASN A 177 7.59 -4.68 19.12
C ASN A 177 6.65 -5.86 18.84
N GLN A 178 6.94 -7.01 19.48
CA GLN A 178 6.25 -8.30 19.17
C GLN A 178 4.75 -8.36 19.50
N GLU A 179 4.25 -7.40 20.27
CA GLU A 179 2.85 -7.40 20.70
C GLU A 179 2.05 -6.24 20.06
N GLU A 180 2.78 -5.23 19.59
CA GLU A 180 2.19 -4.06 18.99
C GLU A 180 2.09 -4.30 17.48
N ARG A 181 0.91 -4.06 16.90
CA ARG A 181 0.69 -4.20 15.46
C ARG A 181 -0.77 -3.82 15.15
N VAL A 182 -0.93 -2.85 14.24
CA VAL A 182 -2.29 -2.52 13.75
C VAL A 182 -2.47 -2.76 12.25
N VAL A 183 -3.75 -2.86 11.88
CA VAL A 183 -4.17 -2.86 10.49
C VAL A 183 -5.17 -1.72 10.31
N CYS A 184 -4.85 -0.82 9.37
CA CYS A 184 -5.77 0.21 8.98
C CYS A 184 -6.42 -0.25 7.68
N ALA A 185 -7.74 -0.26 7.63
CA ALA A 185 -8.48 -0.61 6.40
C ALA A 185 -9.38 0.54 5.89
N GLY A 186 -9.48 0.63 4.57
CA GLY A 186 -10.26 1.64 3.88
C GLY A 186 -11.31 1.02 2.96
N TYR A 187 -12.49 1.66 2.87
CA TYR A 187 -13.60 1.06 2.12
C TYR A 187 -14.23 2.04 1.05
N ASP A 188 -15.00 1.43 0.14
CA ASP A 188 -15.73 2.15 -0.95
C ASP A 188 -16.64 3.31 -0.54
N ASN A 189 -17.11 3.30 0.72
CA ASN A 189 -18.02 4.35 1.22
C ASN A 189 -17.33 5.45 2.05
N GLY A 190 -15.98 5.45 2.04
CA GLY A 190 -15.12 6.36 2.76
C GLY A 190 -14.76 5.94 4.18
N ASP A 191 -15.22 4.76 4.59
CA ASP A 191 -14.87 4.21 5.90
C ASP A 191 -13.39 3.93 5.97
N ILE A 192 -12.82 4.35 7.10
CA ILE A 192 -11.48 4.01 7.55
C ILE A 192 -11.65 3.42 8.92
N LYS A 193 -11.10 2.23 9.09
CA LYS A 193 -11.16 1.50 10.37
C LYS A 193 -9.80 1.02 10.76
N LEU A 194 -9.42 1.33 11.98
CA LEU A 194 -8.11 0.99 12.53
C LEU A 194 -8.25 -0.09 13.59
N PHE A 195 -7.71 -1.25 13.28
CA PHE A 195 -7.82 -2.38 14.17
C PHE A 195 -6.51 -2.69 14.88
N ASP A 196 -6.60 -2.86 16.18
CA ASP A 196 -5.43 -3.27 16.96
C ASP A 196 -5.41 -4.77 17.00
N LEU A 197 -4.30 -5.37 16.60
CA LEU A 197 -4.26 -6.84 16.51
C LEU A 197 -3.82 -7.54 17.81
N ARG A 198 -3.21 -6.80 18.75
CA ARG A 198 -2.72 -7.31 20.08
C ARG A 198 -3.84 -7.97 20.86
N ASN A 199 -4.85 -7.18 21.24
CA ASN A 199 -6.16 -7.71 21.64
C ASN A 199 -7.02 -7.16 20.55
N MET A 200 -7.84 -7.98 19.89
CA MET A 200 -8.67 -7.48 18.80
C MET A 200 -9.52 -6.28 19.25
N ALA A 201 -9.10 -5.09 18.89
CA ALA A 201 -9.82 -3.86 19.25
C ALA A 201 -10.03 -2.99 18.02
N LEU A 202 -11.15 -2.27 18.00
CA LEU A 202 -11.43 -1.24 17.04
C LEU A 202 -10.99 0.08 17.67
N ARG A 203 -9.73 0.37 17.44
CA ARG A 203 -8.99 1.45 18.05
C ARG A 203 -9.52 2.80 17.62
N TRP A 204 -9.93 2.89 16.35
CA TRP A 204 -10.46 4.14 15.73
C TRP A 204 -11.20 3.82 14.44
N GLU A 205 -12.28 4.56 14.19
CA GLU A 205 -13.04 4.51 12.96
C GLU A 205 -13.32 5.93 12.48
N THR A 206 -13.25 6.20 11.17
CA THR A 206 -13.79 7.45 10.67
C THR A 206 -14.48 7.23 9.34
N ASN A 207 -15.04 8.30 8.75
CA ASN A 207 -15.58 8.23 7.40
C ASN A 207 -15.13 9.46 6.63
N ILE A 208 -14.53 9.27 5.43
CA ILE A 208 -14.10 10.44 4.63
C ILE A 208 -14.96 10.67 3.39
N LYS A 209 -16.25 10.46 3.52
CA LYS A 209 -17.19 10.78 2.44
C LYS A 209 -17.07 9.99 1.14
N ASN A 210 -15.86 9.95 0.55
CA ASN A 210 -15.60 9.15 -0.66
C ASN A 210 -14.70 7.92 -0.49
N GLY A 211 -14.75 6.98 -1.44
CA GLY A 211 -13.97 5.73 -1.37
C GLY A 211 -12.51 5.95 -1.03
N VAL A 212 -12.03 5.24 -0.02
CA VAL A 212 -10.62 5.31 0.39
C VAL A 212 -9.84 4.40 -0.54
N CYS A 213 -9.23 5.04 -1.53
CA CYS A 213 -8.43 4.37 -2.53
C CYS A 213 -7.11 3.77 -2.04
N SER A 214 -6.44 4.44 -1.11
N SER A 214 -6.53 4.41 -1.04
CA SER A 214 -5.15 3.97 -0.57
CA SER A 214 -5.19 4.14 -0.55
C SER A 214 -4.87 4.53 0.82
C SER A 214 -5.06 4.51 0.93
N LEU A 215 -4.36 3.66 1.70
CA LEU A 215 -3.92 4.04 3.05
C LEU A 215 -2.45 3.66 3.21
N GLU A 216 -1.64 4.51 3.86
CA GLU A 216 -0.27 4.08 4.17
C GLU A 216 0.16 4.82 5.42
N PHE A 217 0.79 4.12 6.35
CA PHE A 217 1.39 4.80 7.52
C PHE A 217 2.73 5.36 7.01
N ASP A 218 3.21 6.37 7.70
CA ASP A 218 4.45 7.00 7.27
C ASP A 218 5.72 6.14 7.42
N ARG A 219 5.70 5.22 8.38
CA ARG A 219 6.70 4.14 8.51
C ARG A 219 5.97 3.02 9.31
N LYS A 220 6.27 1.77 8.99
CA LYS A 220 5.49 0.61 9.44
C LYS A 220 5.90 0.16 10.85
N ASP A 221 7.15 0.35 11.19
CA ASP A 221 7.76 -0.36 12.31
C ASP A 221 8.15 0.55 13.48
N ILE A 222 7.43 1.65 13.61
CA ILE A 222 7.61 2.64 14.66
C ILE A 222 6.26 2.92 15.22
N SER A 223 6.20 3.56 16.38
CA SER A 223 4.93 3.89 17.00
C SER A 223 4.18 4.79 16.03
N MET A 224 2.91 4.46 15.74
CA MET A 224 2.12 5.17 14.72
C MET A 224 2.35 6.66 14.71
N ASN A 225 2.92 7.20 13.63
CA ASN A 225 3.17 8.65 13.59
C ASN A 225 2.22 9.48 12.73
N LYS A 226 2.16 9.16 11.44
CA LYS A 226 1.22 9.79 10.51
C LYS A 226 0.55 8.74 9.66
N LEU A 227 -0.67 9.03 9.22
CA LEU A 227 -1.37 8.11 8.29
C LEU A 227 -2.00 8.91 7.18
N VAL A 228 -1.75 8.49 5.95
CA VAL A 228 -2.35 9.18 4.84
C VAL A 228 -3.42 8.32 4.24
N ALA A 229 -4.59 8.94 3.97
CA ALA A 229 -5.62 8.29 3.23
C ALA A 229 -5.88 9.08 1.95
N THR A 230 -6.09 8.40 0.83
CA THR A 230 -6.32 9.10 -0.42
C THR A 230 -7.68 8.72 -0.92
N SER A 231 -8.25 9.54 -1.79
CA SER A 231 -9.66 9.38 -2.10
C SER A 231 -10.07 9.79 -3.52
N LEU A 232 -11.32 9.55 -3.94
CA LEU A 232 -11.85 10.21 -5.19
C LEU A 232 -11.78 11.76 -5.10
N GLU A 233 -11.97 12.47 -6.23
CA GLU A 233 -11.98 13.97 -6.27
C GLU A 233 -10.66 14.65 -5.89
N GLY A 234 -9.54 13.97 -6.11
CA GLY A 234 -8.24 14.59 -5.84
C GLY A 234 -7.92 14.81 -4.38
N LYS A 235 -8.76 14.27 -3.49
CA LYS A 235 -8.65 14.49 -2.06
C LYS A 235 -7.73 13.47 -1.35
N PHE A 236 -6.86 13.95 -0.46
CA PHE A 236 -6.19 13.11 0.51
C PHE A 236 -6.13 13.75 1.87
N HIS A 237 -5.98 12.92 2.89
CA HIS A 237 -5.94 13.33 4.29
C HIS A 237 -4.71 12.80 4.99
N VAL A 238 -4.12 13.63 5.83
CA VAL A 238 -2.97 13.21 6.60
C VAL A 238 -3.41 13.34 8.05
N PHE A 239 -3.40 12.23 8.79
CA PHE A 239 -3.84 12.20 10.22
C PHE A 239 -2.63 12.15 11.12
N ASP A 240 -2.57 13.02 12.14
CA ASP A 240 -1.56 12.83 13.17
C ASP A 240 -2.03 11.70 14.08
N MET A 241 -1.23 10.62 14.14
CA MET A 241 -1.61 9.37 14.84
C MET A 241 -1.09 9.30 16.29
N ARG A 242 -0.34 10.33 16.70
CA ARG A 242 0.30 10.29 18.03
C ARG A 242 -0.65 10.65 19.18
N THR A 243 -1.72 11.39 18.86
CA THR A 243 -2.69 11.83 19.83
C THR A 243 -4.11 11.50 19.39
N GLN A 244 -4.74 10.55 20.10
CA GLN A 244 -6.17 10.26 19.97
C GLN A 244 -7.08 10.85 21.04
N HIS A 245 -8.05 11.65 20.66
CA HIS A 245 -9.15 11.93 21.54
C HIS A 245 -10.09 10.73 21.47
N PRO A 246 -10.40 10.10 22.65
CA PRO A 246 -11.31 8.94 22.69
C PRO A 246 -12.64 9.09 21.92
N THR A 247 -13.15 10.30 21.75
CA THR A 247 -14.38 10.39 20.96
C THR A 247 -14.28 11.40 19.81
N LYS A 248 -13.15 12.09 19.68
CA LYS A 248 -13.08 12.99 18.56
C LYS A 248 -12.14 12.41 17.50
N GLY A 249 -11.21 11.56 17.92
CA GLY A 249 -10.33 10.86 16.99
C GLY A 249 -8.94 11.44 16.82
N PHE A 250 -8.53 11.61 15.57
CA PHE A 250 -7.17 11.98 15.23
C PHE A 250 -7.27 13.24 14.38
N ALA A 251 -6.39 14.20 14.66
CA ALA A 251 -6.40 15.43 13.90
C ALA A 251 -5.88 15.14 12.52
N SER A 252 -6.42 15.90 11.55
CA SER A 252 -6.04 15.75 10.14
C SER A 252 -6.12 17.04 9.29
N VAL A 253 -5.35 17.05 8.22
CA VAL A 253 -5.44 18.07 7.17
C VAL A 253 -5.72 17.40 5.83
N SER A 254 -6.70 17.91 5.10
CA SER A 254 -6.97 17.44 3.76
C SER A 254 -6.35 18.35 2.72
N GLU A 255 -5.98 17.76 1.58
CA GLU A 255 -5.54 18.48 0.39
C GLU A 255 -6.32 18.01 -0.82
N LYS A 256 -6.73 18.97 -1.67
CA LYS A 256 -7.19 18.59 -3.00
C LYS A 256 -5.97 18.68 -3.95
N ALA A 257 -5.39 17.52 -4.33
CA ALA A 257 -4.16 17.44 -5.18
C ALA A 257 -4.44 17.58 -6.69
N HIS A 258 -5.28 16.69 -7.21
CA HIS A 258 -5.70 16.75 -8.61
C HIS A 258 -7.21 17.03 -8.60
N LYS A 259 -7.79 17.00 -9.80
CA LYS A 259 -9.25 16.96 -9.93
C LYS A 259 -9.67 15.49 -9.91
N SER A 260 -8.74 14.59 -10.28
CA SER A 260 -9.01 13.16 -10.46
C SER A 260 -8.74 12.35 -9.20
N THR A 261 -9.13 11.07 -9.24
CA THR A 261 -8.96 10.05 -8.19
C THR A 261 -7.49 10.00 -7.77
N VAL A 262 -7.21 10.10 -6.48
CA VAL A 262 -5.84 9.92 -6.00
C VAL A 262 -5.64 8.42 -5.75
N TRP A 263 -4.89 7.77 -6.62
CA TRP A 263 -4.85 6.32 -6.57
C TRP A 263 -4.01 5.68 -5.46
N GLN A 264 -2.94 6.37 -5.06
CA GLN A 264 -1.91 5.80 -4.19
C GLN A 264 -1.13 6.91 -3.54
N VAL A 265 -0.79 6.68 -2.29
CA VAL A 265 0.22 7.42 -1.56
C VAL A 265 1.36 6.43 -1.24
N ARG A 266 2.63 6.85 -1.40
CA ARG A 266 3.85 6.13 -0.92
C ARG A 266 4.82 7.05 -0.24
N HIS A 267 5.08 6.80 1.05
CA HIS A 267 6.11 7.54 1.78
C HIS A 267 7.47 7.07 1.34
N LEU A 268 8.43 8.01 1.27
CA LEU A 268 9.81 7.63 1.05
C LEU A 268 10.32 6.74 2.16
N PRO A 269 10.80 5.53 1.85
CA PRO A 269 11.33 4.65 2.87
C PRO A 269 12.46 5.30 3.66
N GLN A 270 13.29 6.03 2.95
CA GLN A 270 14.38 6.79 3.57
C GLN A 270 13.94 8.06 4.29
N ASN A 271 12.73 8.55 4.05
CA ASN A 271 12.24 9.72 4.80
C ASN A 271 10.75 9.76 4.96
N ARG A 272 10.29 9.58 6.20
CA ARG A 272 8.86 9.50 6.55
C ARG A 272 8.03 10.78 6.36
N GLU A 273 8.67 11.93 6.15
CA GLU A 273 7.90 13.22 6.00
C GLU A 273 7.69 13.50 4.53
N LEU A 274 8.39 12.72 3.71
CA LEU A 274 8.23 12.80 2.24
C LEU A 274 7.28 11.76 1.66
N PHE A 275 6.40 12.17 0.75
CA PHE A 275 5.53 11.22 0.05
C PHE A 275 5.06 11.66 -1.34
N LEU A 276 4.77 10.67 -2.16
CA LEU A 276 4.35 10.83 -3.51
C LEU A 276 2.89 10.47 -3.54
N THR A 277 2.10 11.24 -4.28
CA THR A 277 0.76 10.78 -4.67
C THR A 277 0.66 10.55 -6.17
N ALA A 278 -0.13 9.55 -6.57
CA ALA A 278 -0.32 9.18 -7.94
C ALA A 278 -1.82 9.31 -8.24
N GLY A 279 -2.13 10.10 -9.28
CA GLY A 279 -3.47 10.58 -9.58
C GLY A 279 -4.07 9.94 -10.80
N GLY A 280 -5.31 10.33 -11.07
CA GLY A 280 -6.16 9.66 -12.06
C GLY A 280 -5.68 9.90 -13.47
N ALA A 281 -5.02 11.02 -13.71
CA ALA A 281 -4.61 11.35 -15.08
C ALA A 281 -3.13 11.16 -15.43
N GLY A 282 -2.40 10.39 -14.63
CA GLY A 282 -0.98 10.22 -14.85
C GLY A 282 -0.16 11.23 -14.09
N GLY A 283 -0.78 11.90 -13.13
CA GLY A 283 -0.08 12.90 -12.35
C GLY A 283 0.63 12.30 -11.12
N LEU A 284 1.86 12.74 -10.90
CA LEU A 284 2.61 12.40 -9.70
C LEU A 284 2.92 13.68 -9.02
N HIS A 285 2.46 13.82 -7.77
CA HIS A 285 2.77 14.98 -6.94
C HIS A 285 3.61 14.55 -5.76
N LEU A 286 4.62 15.33 -5.42
CA LEU A 286 5.54 15.02 -4.31
C LEU A 286 5.31 16.03 -3.23
N TRP A 287 5.00 15.56 -2.02
CA TRP A 287 4.56 16.39 -0.88
C TRP A 287 5.53 16.23 0.24
N LYS A 288 5.61 17.22 1.12
CA LYS A 288 6.34 17.04 2.39
C LYS A 288 5.43 17.53 3.49
N TYR A 289 5.43 16.85 4.62
CA TYR A 289 4.52 17.28 5.69
C TYR A 289 5.25 18.25 6.58
N GLU A 290 4.58 19.33 6.99
CA GLU A 290 5.19 20.19 8.02
C GLU A 290 4.41 20.18 9.34
N TYR A 291 5.09 19.73 10.40
CA TYR A 291 4.51 19.59 11.74
C TYR A 291 4.28 20.96 12.37
N PRO A 292 3.14 21.14 13.08
CA PRO A 292 3.00 22.45 13.79
C PRO A 292 3.94 22.53 15.00
N ILE A 293 4.08 23.72 15.60
CA ILE A 293 4.97 23.91 16.77
C ILE A 293 4.73 22.88 17.87
N GLN A 294 3.46 22.65 18.22
CA GLN A 294 3.07 21.54 19.09
C GLN A 294 2.00 20.62 18.45
N ARG A 295 2.37 19.36 18.28
CA ARG A 295 1.49 18.36 17.64
C ARG A 295 0.32 18.06 18.58
N LYS A 298 -4.77 20.38 24.58
CA LYS A 298 -5.96 19.97 25.35
C LYS A 298 -7.19 20.71 24.87
N ASP A 299 -8.37 20.10 24.93
CA ASP A 299 -9.61 20.74 24.45
C ASP A 299 -10.37 21.52 25.57
N SER A 300 -11.55 22.07 25.25
CA SER A 300 -12.40 22.73 26.24
C SER A 300 -12.44 21.99 27.60
N GLU A 301 -12.60 20.66 27.59
CA GLU A 301 -12.64 19.83 28.80
C GLU A 301 -11.27 19.36 29.33
N GLY A 302 -10.18 19.84 28.76
CA GLY A 302 -8.83 19.44 29.19
C GLY A 302 -8.44 18.03 28.77
N ILE A 303 -9.04 17.54 27.67
CA ILE A 303 -8.69 16.24 27.08
C ILE A 303 -7.83 16.50 25.86
N GLU A 304 -6.71 15.78 25.76
CA GLU A 304 -5.82 15.94 24.62
C GLU A 304 -6.40 15.53 23.27
N MET A 305 -6.00 16.32 22.28
CA MET A 305 -6.32 16.05 20.90
C MET A 305 -5.14 16.54 20.09
N GLY A 306 -4.95 15.95 18.90
CA GLY A 306 -3.84 16.31 18.05
C GLY A 306 -4.05 17.68 17.42
N VAL A 307 -2.94 18.18 16.87
CA VAL A 307 -2.91 19.41 16.09
C VAL A 307 -2.39 19.06 14.70
N ALA A 308 -3.20 19.34 13.69
CA ALA A 308 -2.87 19.03 12.29
C ALA A 308 -1.85 20.06 11.76
N GLY A 309 -0.92 19.60 10.93
CA GLY A 309 0.12 20.44 10.31
C GLY A 309 -0.30 20.82 8.91
N SER A 310 0.68 21.00 8.02
CA SER A 310 0.34 21.32 6.63
C SER A 310 1.16 20.48 5.66
N VAL A 311 0.68 20.42 4.42
CA VAL A 311 1.49 19.77 3.38
C VAL A 311 1.84 20.80 2.34
N SER A 312 3.09 20.76 1.88
CA SER A 312 3.44 21.63 0.76
C SER A 312 3.91 20.84 -0.46
N LEU A 313 3.32 21.17 -1.61
CA LEU A 313 3.64 20.53 -2.87
C LEU A 313 5.04 20.89 -3.30
N LEU A 314 5.88 19.88 -3.52
CA LEU A 314 7.26 20.12 -3.91
C LEU A 314 7.46 20.11 -5.42
N GLN A 315 6.74 19.25 -6.14
CA GLN A 315 6.94 19.04 -7.57
C GLN A 315 5.77 18.23 -8.07
N ASN A 316 5.47 18.38 -9.35
CA ASN A 316 4.45 17.56 -9.93
C ASN A 316 4.58 17.47 -11.42
N VAL A 317 4.47 16.25 -11.94
CA VAL A 317 4.54 16.05 -13.38
C VAL A 317 3.39 15.19 -13.81
N THR A 318 3.05 15.22 -15.10
CA THR A 318 2.08 14.27 -15.66
C THR A 318 2.83 13.36 -16.58
N LEU A 319 2.96 12.08 -16.19
CA LEU A 319 3.85 11.19 -16.90
C LEU A 319 3.15 10.08 -17.64
N SER A 320 1.81 10.10 -17.64
CA SER A 320 1.06 9.06 -18.34
C SER A 320 -0.19 9.58 -18.97
N THR A 321 -0.70 8.78 -19.91
CA THR A 321 -2.02 8.96 -20.53
C THR A 321 -3.15 8.44 -19.60
N GLN A 322 -2.80 7.45 -18.78
CA GLN A 322 -3.76 6.73 -17.96
C GLN A 322 -3.54 6.96 -16.45
N PRO A 323 -4.47 6.46 -15.59
CA PRO A 323 -4.11 6.47 -14.15
C PRO A 323 -2.70 5.87 -13.92
N ILE A 324 -1.94 6.51 -13.03
CA ILE A 324 -0.85 5.83 -12.37
C ILE A 324 -1.39 5.09 -11.11
N SER A 325 -1.66 3.79 -11.27
CA SER A 325 -2.37 3.03 -10.27
C SER A 325 -1.50 2.43 -9.18
N SER A 326 -0.19 2.28 -9.39
CA SER A 326 0.66 1.71 -8.34
C SER A 326 2.05 2.28 -8.39
N LEU A 327 2.68 2.33 -7.23
CA LEU A 327 3.98 2.94 -7.07
C LEU A 327 4.75 2.25 -5.97
N ASP A 328 6.07 2.20 -6.12
CA ASP A 328 6.89 1.61 -5.05
C ASP A 328 8.25 2.26 -5.05
N TRP A 329 8.64 2.87 -3.94
CA TRP A 329 9.97 3.41 -3.77
C TRP A 329 10.99 2.26 -3.50
N SER A 330 12.21 2.39 -4.03
CA SER A 330 13.26 1.43 -3.78
C SER A 330 13.78 1.51 -2.36
N PRO A 331 13.74 0.35 -1.65
CA PRO A 331 14.28 0.21 -0.31
C PRO A 331 15.83 0.32 -0.37
N ASP A 332 16.41 -0.03 -1.52
CA ASP A 332 17.87 -0.15 -1.67
C ASP A 332 18.58 1.16 -2.01
N LYS A 333 17.98 1.93 -2.90
CA LYS A 333 18.57 3.13 -3.50
C LYS A 333 17.64 4.31 -3.37
N ARG A 334 17.97 5.27 -2.53
CA ARG A 334 17.08 6.39 -2.29
C ARG A 334 16.62 7.17 -3.54
N GLY A 335 15.31 7.47 -3.61
CA GLY A 335 14.75 8.28 -4.68
C GLY A 335 14.53 7.50 -5.96
N LEU A 336 15.00 6.26 -5.99
CA LEU A 336 14.67 5.37 -7.07
C LEU A 336 13.24 4.91 -6.85
N CYS A 337 12.44 4.87 -7.91
CA CYS A 337 11.02 4.55 -7.74
C CYS A 337 10.48 3.82 -8.97
N VAL A 338 9.53 2.93 -8.81
CA VAL A 338 8.92 2.27 -9.93
C VAL A 338 7.41 2.55 -9.86
N CYS A 339 6.78 2.74 -11.01
CA CYS A 339 5.33 2.90 -11.05
C CYS A 339 4.72 2.26 -12.28
N SER A 340 3.44 1.94 -12.19
CA SER A 340 2.74 1.25 -13.26
C SER A 340 1.52 2.05 -13.60
N SER A 341 1.10 1.91 -14.84
CA SER A 341 0.01 2.70 -15.37
C SER A 341 -0.95 1.82 -16.18
N PHE A 342 -2.18 2.30 -16.36
CA PHE A 342 -3.15 1.66 -17.23
C PHE A 342 -2.96 1.89 -18.74
N ASP A 343 -1.97 2.72 -19.09
CA ASP A 343 -1.39 2.76 -20.45
C ASP A 343 -0.42 1.57 -20.78
N GLN A 344 -0.28 0.65 -19.85
CA GLN A 344 0.48 -0.56 -20.07
C GLN A 344 1.99 -0.24 -20.20
N THR A 345 2.43 0.78 -19.43
CA THR A 345 3.84 1.13 -19.26
C THR A 345 4.23 0.96 -17.78
N VAL A 346 5.38 0.33 -17.53
CA VAL A 346 6.09 0.50 -16.24
C VAL A 346 7.19 1.58 -16.35
N ARG A 347 7.36 2.38 -15.32
CA ARG A 347 8.34 3.45 -15.37
C ARG A 347 9.28 3.38 -14.21
N VAL A 348 10.57 3.52 -14.48
CA VAL A 348 11.52 3.75 -13.41
C VAL A 348 11.81 5.23 -13.33
N LEU A 349 11.53 5.80 -12.18
CA LEU A 349 11.70 7.21 -11.97
C LEU A 349 12.87 7.40 -11.06
N ILE A 350 13.55 8.54 -11.21
CA ILE A 350 14.50 8.99 -10.25
C ILE A 350 14.00 10.30 -9.67
N VAL A 351 14.02 10.42 -8.35
CA VAL A 351 13.61 11.67 -7.71
C VAL A 351 14.81 12.32 -7.06
N THR A 352 15.16 13.50 -7.57
CA THR A 352 16.42 14.16 -7.26
C THR A 352 16.27 14.96 -6.03
N LYS A 353 17.40 15.33 -5.45
CA LYS A 353 17.44 16.14 -4.22
C LYS A 353 16.75 15.46 -3.06
#